data_7VJS
#
_entry.id   7VJS
#
_cell.length_a   46.374
_cell.length_b   64.212
_cell.length_c   88.960
_cell.angle_alpha   90.000
_cell.angle_beta   90.000
_cell.angle_gamma   90.000
#
_symmetry.space_group_name_H-M   'P 21 21 21'
#
loop_
_entity.id
_entity.type
_entity.pdbx_description
1 polymer 'Alpha-ketoglutarate-dependent dioxygenase alkB homolog 6'
2 non-polymer 'NICKEL (II) ION'
3 non-polymer 2-AMINO-2-HYDROXYMETHYL-PROPANE-1,3-DIOL
4 water water
#
_entity_poly.entity_id   1
_entity_poly.type   'polypeptide(L)'
_entity_poly.pdbx_seq_one_letter_code
;MEEQDARVPALEPFRVEQAPPVIYYVPDFISKEEEEYLLRQVFNAPKPKWTQLSGRKLQNWGGLPHPRGMVPERLPPWLQ
RYVDKVSNLSLFGGLPANHVLVNQYLPGEGIMPHEDGPLYYPTVSTISLGSHTVLDFYEPRRPEDDDPTEQPRPPPRPTT
SLLLEPRSLLVLRGPAYTRLLHGIAAARVDALDAASSPPNAAACPSARPGACLVRGTRVSLTIRRVPRVLRAGLLLGKGT
ENLYFQ
;
_entity_poly.pdbx_strand_id   A
#
loop_
_chem_comp.id
_chem_comp.type
_chem_comp.name
_chem_comp.formula
NI non-polymer 'NICKEL (II) ION' 'Ni 2'
TRS non-polymer 2-AMINO-2-HYDROXYMETHYL-PROPANE-1,3-DIOL 'C4 H12 N O3 1'
#
# COMPACT_ATOMS: atom_id res chain seq x y z
C MET A 1 -9.11 -20.77 4.34
N GLU A 2 -8.81 -20.44 3.07
CA GLU A 2 -8.12 -19.18 2.67
C GLU A 2 -8.72 -18.01 3.47
N GLU A 3 -10.05 -17.92 3.54
CA GLU A 3 -10.75 -16.76 4.17
C GLU A 3 -10.57 -16.83 5.70
N GLN A 4 -10.73 -18.01 6.32
CA GLN A 4 -10.61 -18.17 7.79
C GLN A 4 -9.18 -17.82 8.21
N ASP A 5 -8.20 -18.27 7.44
CA ASP A 5 -6.74 -18.05 7.69
C ASP A 5 -6.43 -16.54 7.61
N ALA A 6 -7.13 -15.81 6.75
CA ALA A 6 -6.81 -14.40 6.40
C ALA A 6 -7.44 -13.43 7.41
N ARG A 7 -8.38 -13.85 8.26
CA ARG A 7 -8.98 -12.95 9.27
C ARG A 7 -7.92 -12.57 10.30
N VAL A 8 -7.97 -11.32 10.75
CA VAL A 8 -7.15 -10.72 11.82
C VAL A 8 -8.08 -10.32 12.96
N PRO A 9 -8.23 -11.15 14.01
CA PRO A 9 -9.24 -10.90 15.05
C PRO A 9 -9.28 -9.45 15.57
N ALA A 10 -8.12 -8.87 15.83
CA ALA A 10 -7.98 -7.51 16.39
C ALA A 10 -8.57 -6.47 15.41
N LEU A 11 -8.64 -6.76 14.11
CA LEU A 11 -9.15 -5.77 13.11
C LEU A 11 -10.61 -6.05 12.76
N GLU A 12 -11.26 -7.03 13.39
CA GLU A 12 -12.65 -7.47 13.06
C GLU A 12 -13.61 -6.27 12.99
N PRO A 13 -13.52 -5.28 13.91
CA PRO A 13 -14.41 -4.12 13.86
C PRO A 13 -14.25 -3.24 12.61
N PHE A 14 -13.16 -3.44 11.85
CA PHE A 14 -12.82 -2.60 10.69
C PHE A 14 -12.97 -3.43 9.40
N ARG A 15 -13.56 -4.61 9.50
CA ARG A 15 -13.78 -5.49 8.33
C ARG A 15 -14.76 -4.78 7.43
N VAL A 16 -14.49 -4.75 6.13
CA VAL A 16 -15.39 -4.16 5.11
C VAL A 16 -16.24 -5.33 4.60
N GLU A 17 -17.38 -5.55 5.26
CA GLU A 17 -18.18 -6.79 5.17
C GLU A 17 -18.76 -6.98 3.77
N GLN A 18 -19.08 -5.89 3.07
CA GLN A 18 -19.73 -5.99 1.75
C GLN A 18 -18.68 -6.09 0.65
N ALA A 19 -17.38 -6.08 0.98
CA ALA A 19 -16.28 -6.20 0.00
C ALA A 19 -15.83 -7.64 0.00
N PRO A 20 -15.07 -8.09 -1.03
CA PRO A 20 -14.54 -9.46 -1.03
C PRO A 20 -13.67 -9.73 0.19
N PRO A 21 -13.56 -11.02 0.60
CA PRO A 21 -12.75 -11.39 1.75
C PRO A 21 -11.27 -11.27 1.35
N VAL A 22 -10.40 -10.75 2.21
CA VAL A 22 -10.68 -10.10 3.47
C VAL A 22 -10.07 -8.69 3.39
N ILE A 23 -10.90 -7.67 3.56
CA ILE A 23 -10.45 -6.25 3.49
C ILE A 23 -10.74 -5.58 4.82
N TYR A 24 -9.74 -4.93 5.37
CA TYR A 24 -9.88 -4.06 6.57
C TYR A 24 -9.62 -2.62 6.16
N TYR A 25 -10.39 -1.72 6.75
CA TYR A 25 -10.23 -0.26 6.57
C TYR A 25 -10.28 0.39 7.94
N VAL A 26 -9.15 0.97 8.36
CA VAL A 26 -8.99 1.62 9.69
C VAL A 26 -8.88 3.12 9.47
N PRO A 27 -9.92 3.90 9.78
CA PRO A 27 -9.83 5.36 9.70
C PRO A 27 -8.91 5.91 10.80
N ASP A 28 -8.23 7.02 10.52
CA ASP A 28 -7.41 7.75 11.53
C ASP A 28 -6.37 6.81 12.15
N PHE A 29 -5.71 6.02 11.33
CA PHE A 29 -4.62 5.12 11.76
C PHE A 29 -3.43 5.98 12.17
N ILE A 30 -3.24 7.13 11.52
CA ILE A 30 -2.20 8.13 11.88
C ILE A 30 -2.87 9.48 12.18
N SER A 31 -2.18 10.33 12.93
CA SER A 31 -2.64 11.70 13.31
C SER A 31 -2.30 12.66 12.18
N LYS A 32 -2.87 13.87 12.17
CA LYS A 32 -2.52 14.90 11.16
C LYS A 32 -1.03 15.29 11.28
N GLU A 33 -0.47 15.29 12.48
CA GLU A 33 0.97 15.66 12.67
C GLU A 33 1.86 14.55 12.10
N GLU A 34 1.48 13.30 12.34
CA GLU A 34 2.21 12.14 11.74
C GLU A 34 2.14 12.22 10.21
N GLU A 35 0.96 12.53 9.65
CA GLU A 35 0.73 12.63 8.18
C GLU A 35 1.62 13.75 7.63
N GLU A 36 1.66 14.90 8.34
CA GLU A 36 2.44 16.06 7.84
C GLU A 36 3.91 15.69 7.79
N TYR A 37 4.42 15.02 8.82
CA TYR A 37 5.86 14.67 8.89
C TYR A 37 6.22 13.68 7.78
N LEU A 38 5.39 12.64 7.58
CA LEU A 38 5.57 11.67 6.48
C LEU A 38 5.64 12.40 5.12
N LEU A 39 4.72 13.33 4.86
CA LEU A 39 4.71 14.06 3.57
C LEU A 39 6.00 14.88 3.44
N ARG A 40 6.44 15.52 4.51
CA ARG A 40 7.70 16.31 4.54
C ARG A 40 8.89 15.39 4.23
N GLN A 41 8.94 14.19 4.80
CA GLN A 41 10.12 13.30 4.60
C GLN A 41 10.10 12.74 3.19
N VAL A 42 8.93 12.36 2.66
CA VAL A 42 8.83 11.83 1.27
C VAL A 42 9.31 12.91 0.28
N PHE A 43 8.85 14.14 0.48
CA PHE A 43 9.11 15.24 -0.47
C PHE A 43 10.56 15.75 -0.34
N ASN A 44 11.18 15.59 0.82
CA ASN A 44 12.57 16.09 1.08
C ASN A 44 13.59 14.98 0.79
N ALA A 45 13.16 13.78 0.37
CA ALA A 45 14.06 12.67 -0.04
C ALA A 45 14.95 13.11 -1.21
N PRO A 46 16.19 12.60 -1.33
CA PRO A 46 17.03 12.87 -2.50
C PRO A 46 16.31 12.62 -3.84
N LYS A 47 16.53 13.49 -4.82
CA LYS A 47 15.84 13.44 -6.14
C LYS A 47 15.98 12.06 -6.77
N PRO A 48 17.17 11.39 -6.67
CA PRO A 48 17.38 10.05 -7.25
C PRO A 48 16.56 8.91 -6.63
N LYS A 49 15.95 9.15 -5.46
CA LYS A 49 15.04 8.18 -4.81
C LYS A 49 13.77 7.97 -5.65
N TRP A 50 13.38 8.96 -6.46
CA TRP A 50 12.13 8.86 -7.26
C TRP A 50 12.37 8.07 -8.54
N THR A 51 11.41 7.22 -8.90
CA THR A 51 11.28 6.60 -10.24
C THR A 51 10.07 7.26 -10.91
N GLN A 52 10.28 7.87 -12.08
CA GLN A 52 9.18 8.44 -12.89
C GLN A 52 8.60 7.32 -13.75
N LEU A 53 7.30 7.04 -13.64
CA LEU A 53 6.58 6.13 -14.57
C LEU A 53 5.70 6.98 -15.47
N SER A 54 4.96 6.36 -16.38
CA SER A 54 4.03 7.07 -17.30
C SER A 54 2.93 7.72 -16.46
N GLY A 55 2.34 6.98 -15.51
CA GLY A 55 1.07 7.35 -14.84
C GLY A 55 1.24 7.81 -13.40
N ARG A 56 2.46 7.90 -12.87
CA ARG A 56 2.74 8.22 -11.44
C ARG A 56 4.25 8.23 -11.20
N LYS A 57 4.69 8.56 -9.99
CA LYS A 57 6.11 8.39 -9.62
C LYS A 57 6.18 7.73 -8.25
N LEU A 58 7.28 7.04 -7.97
CA LEU A 58 7.34 6.16 -6.79
C LEU A 58 8.73 6.20 -6.17
N GLN A 59 8.83 5.74 -4.91
CA GLN A 59 10.10 5.42 -4.23
C GLN A 59 10.03 3.99 -3.70
N ASN A 60 11.12 3.26 -3.81
CA ASN A 60 11.35 1.98 -3.10
C ASN A 60 12.23 2.23 -1.87
N TRP A 61 11.76 1.79 -0.72
CA TRP A 61 12.53 1.82 0.53
C TRP A 61 12.66 0.39 1.05
N GLY A 62 13.87 0.01 1.43
CA GLY A 62 14.12 -1.34 1.98
C GLY A 62 14.78 -2.25 0.95
N GLY A 63 14.90 -1.79 -0.30
CA GLY A 63 15.43 -2.56 -1.43
C GLY A 63 14.46 -2.70 -2.59
N LEU A 64 14.92 -3.30 -3.67
CA LEU A 64 14.14 -3.54 -4.91
C LEU A 64 13.76 -5.01 -4.93
N PRO A 65 12.46 -5.35 -4.71
CA PRO A 65 12.01 -6.73 -4.77
C PRO A 65 12.29 -7.33 -6.16
N HIS A 66 12.75 -8.58 -6.15
CA HIS A 66 13.27 -9.31 -7.33
C HIS A 66 13.09 -10.80 -7.11
N PRO A 67 12.63 -11.55 -8.13
CA PRO A 67 12.37 -12.99 -7.97
C PRO A 67 13.60 -13.83 -7.58
N ARG A 68 14.79 -13.35 -7.90
CA ARG A 68 16.06 -14.05 -7.56
C ARG A 68 16.56 -13.60 -6.18
N GLY A 69 15.86 -12.64 -5.57
CA GLY A 69 16.19 -12.20 -4.21
C GLY A 69 16.42 -10.70 -4.17
N MET A 70 15.96 -10.08 -3.09
CA MET A 70 16.06 -8.63 -2.89
C MET A 70 17.38 -8.31 -2.19
N VAL A 71 18.14 -7.36 -2.73
CA VAL A 71 19.31 -6.73 -2.05
C VAL A 71 18.75 -5.73 -1.04
N PRO A 72 18.87 -5.96 0.28
CA PRO A 72 18.19 -5.10 1.25
C PRO A 72 18.90 -3.76 1.47
N GLU A 73 18.13 -2.77 1.88
CA GLU A 73 18.59 -1.43 2.30
C GLU A 73 17.93 -1.14 3.65
N ARG A 74 18.65 -0.53 4.58
CA ARG A 74 18.08 -0.24 5.92
C ARG A 74 16.95 0.77 5.75
N LEU A 75 15.78 0.51 6.35
CA LEU A 75 14.66 1.48 6.34
C LEU A 75 15.00 2.58 7.34
N PRO A 76 14.77 3.86 6.98
CA PRO A 76 14.95 4.94 7.95
C PRO A 76 13.90 4.89 9.04
N PRO A 77 14.20 5.39 10.28
CA PRO A 77 13.28 5.38 11.39
C PRO A 77 11.92 6.01 11.09
N TRP A 78 11.88 7.04 10.23
CA TRP A 78 10.59 7.73 9.95
C TRP A 78 9.65 6.79 9.18
N LEU A 79 10.17 5.74 8.53
CA LEU A 79 9.33 4.66 7.89
C LEU A 79 9.27 3.43 8.80
N GLN A 80 10.37 3.06 9.46
CA GLN A 80 10.40 1.89 10.39
C GLN A 80 9.32 2.04 11.45
N ARG A 81 9.03 3.26 11.94
CA ARG A 81 7.97 3.51 12.95
CA ARG A 81 7.96 3.51 12.96
C ARG A 81 6.65 2.89 12.47
N TYR A 82 6.29 3.09 11.21
CA TYR A 82 4.98 2.59 10.64
C TYR A 82 5.11 1.13 10.21
N VAL A 83 6.27 0.70 9.74
CA VAL A 83 6.51 -0.74 9.47
C VAL A 83 6.28 -1.52 10.78
N ASP A 84 6.77 -1.00 11.92
CA ASP A 84 6.57 -1.63 13.25
C ASP A 84 5.08 -1.62 13.60
N LYS A 85 4.40 -0.49 13.44
CA LYS A 85 2.95 -0.35 13.80
C LYS A 85 2.12 -1.38 13.03
N VAL A 86 2.35 -1.56 11.72
CA VAL A 86 1.52 -2.51 10.93
C VAL A 86 1.97 -3.93 11.20
N SER A 87 3.27 -4.16 11.42
CA SER A 87 3.81 -5.51 11.72
C SER A 87 3.30 -5.95 13.11
N ASN A 88 3.08 -5.01 14.04
CA ASN A 88 2.47 -5.35 15.36
C ASN A 88 1.01 -5.79 15.23
N LEU A 89 0.33 -5.54 14.10
CA LEU A 89 -1.05 -6.05 13.88
C LEU A 89 -0.99 -7.50 13.40
N SER A 90 0.21 -8.07 13.28
CA SER A 90 0.49 -9.47 12.87
C SER A 90 -0.06 -9.74 11.46
N LEU A 91 0.31 -8.89 10.49
CA LEU A 91 -0.28 -8.98 9.13
C LEU A 91 0.57 -9.79 8.17
N PHE A 92 1.79 -10.19 8.50
CA PHE A 92 2.73 -10.73 7.47
C PHE A 92 3.23 -12.13 7.79
N GLY A 93 2.38 -12.97 8.42
CA GLY A 93 2.71 -14.39 8.63
C GLY A 93 3.65 -14.61 9.80
N GLY A 94 3.86 -13.63 10.68
CA GLY A 94 4.69 -13.84 11.87
C GLY A 94 6.11 -13.32 11.74
N LEU A 95 6.42 -12.67 10.63
CA LEU A 95 7.68 -11.92 10.43
C LEU A 95 7.32 -10.47 10.10
N PRO A 96 8.18 -9.49 10.40
CA PRO A 96 7.83 -8.09 10.19
C PRO A 96 7.92 -7.73 8.70
N ALA A 97 7.15 -6.74 8.27
CA ALA A 97 7.28 -6.14 6.93
C ALA A 97 8.69 -5.58 6.78
N ASN A 98 9.17 -5.45 5.56
CA ASN A 98 10.59 -5.09 5.29
C ASN A 98 10.69 -4.22 4.04
N HIS A 99 9.57 -3.75 3.51
CA HIS A 99 9.59 -2.95 2.25
C HIS A 99 8.52 -1.89 2.33
N VAL A 100 8.80 -0.70 1.79
CA VAL A 100 7.78 0.37 1.65
C VAL A 100 7.88 0.89 0.21
N LEU A 101 6.76 0.84 -0.48
CA LEU A 101 6.59 1.42 -1.82
C LEU A 101 5.79 2.70 -1.63
N VAL A 102 6.40 3.85 -1.94
CA VAL A 102 5.73 5.16 -1.89
C VAL A 102 5.28 5.51 -3.32
N ASN A 103 3.98 5.73 -3.50
CA ASN A 103 3.41 6.22 -4.77
C ASN A 103 2.93 7.66 -4.58
N GLN A 104 3.24 8.50 -5.53
CA GLN A 104 2.66 9.87 -5.61
C GLN A 104 1.75 9.93 -6.82
N TYR A 105 0.51 10.34 -6.58
CA TYR A 105 -0.51 10.51 -7.65
C TYR A 105 -0.93 11.97 -7.70
N LEU A 106 -0.50 12.67 -8.75
CA LEU A 106 -1.02 14.03 -9.06
C LEU A 106 -2.52 13.88 -9.33
N PRO A 107 -3.36 14.92 -9.14
CA PRO A 107 -4.74 14.87 -9.61
C PRO A 107 -4.77 14.45 -11.09
N GLY A 108 -5.59 13.46 -11.44
CA GLY A 108 -5.68 12.90 -12.80
C GLY A 108 -4.95 11.59 -12.95
N GLU A 109 -4.03 11.26 -12.03
CA GLU A 109 -3.21 10.02 -12.11
C GLU A 109 -3.88 8.89 -11.32
N GLY A 110 -3.67 7.67 -11.79
CA GLY A 110 -4.07 6.44 -11.11
C GLY A 110 -3.12 5.31 -11.42
N ILE A 111 -3.64 4.09 -11.37
CA ILE A 111 -2.87 2.85 -11.63
C ILE A 111 -3.82 1.84 -12.23
N MET A 112 -3.39 1.17 -13.30
CA MET A 112 -4.21 0.18 -14.03
C MET A 112 -4.47 -0.99 -13.08
N PRO A 113 -5.61 -1.69 -13.26
CA PRO A 113 -5.95 -2.86 -12.46
C PRO A 113 -4.86 -3.94 -12.53
N HIS A 114 -4.52 -4.52 -11.39
CA HIS A 114 -3.42 -5.48 -11.26
C HIS A 114 -3.59 -6.25 -9.96
N GLU A 115 -2.83 -7.34 -9.82
CA GLU A 115 -2.64 -8.02 -8.52
C GLU A 115 -1.17 -7.81 -8.13
N ASP A 116 -0.86 -7.78 -6.85
CA ASP A 116 0.50 -7.37 -6.38
C ASP A 116 1.47 -8.55 -6.56
N GLY A 117 0.98 -9.79 -6.54
CA GLY A 117 1.73 -10.94 -7.05
C GLY A 117 2.66 -11.57 -6.03
N PRO A 118 3.48 -12.56 -6.48
CA PRO A 118 4.16 -13.47 -5.56
C PRO A 118 5.49 -12.98 -4.98
N LEU A 119 5.96 -11.79 -5.32
CA LEU A 119 7.20 -11.24 -4.68
C LEU A 119 6.94 -10.88 -3.21
N TYR A 120 5.67 -10.79 -2.79
CA TYR A 120 5.31 -10.38 -1.41
C TYR A 120 4.53 -11.50 -0.76
N TYR A 121 4.69 -11.62 0.55
CA TYR A 121 3.71 -12.29 1.42
C TYR A 121 2.33 -11.74 1.04
N PRO A 122 1.27 -12.57 0.94
CA PRO A 122 -0.01 -12.11 0.40
C PRO A 122 -0.82 -11.22 1.36
N THR A 123 -0.32 -10.02 1.60
CA THR A 123 -1.02 -8.95 2.37
C THR A 123 -0.52 -7.61 1.87
N VAL A 124 -1.44 -6.74 1.50
CA VAL A 124 -1.12 -5.31 1.18
C VAL A 124 -1.55 -4.54 2.39
N SER A 125 -0.69 -3.68 2.93
CA SER A 125 -1.16 -2.65 3.87
C SER A 125 -0.78 -1.32 3.24
N THR A 126 -1.70 -0.36 3.24
CA THR A 126 -1.44 0.95 2.61
C THR A 126 -1.94 2.06 3.51
N ILE A 127 -1.06 2.99 3.87
CA ILE A 127 -1.42 4.23 4.60
C ILE A 127 -1.55 5.35 3.55
N SER A 128 -2.72 5.98 3.47
CA SER A 128 -3.02 7.09 2.53
C SER A 128 -2.70 8.44 3.18
N LEU A 129 -2.04 9.32 2.43
CA LEU A 129 -1.70 10.70 2.85
C LEU A 129 -2.18 11.70 1.79
N GLY A 130 -2.53 12.91 2.18
CA GLY A 130 -2.61 14.04 1.24
C GLY A 130 -4.02 14.29 0.75
N SER A 131 -4.61 13.29 0.12
CA SER A 131 -5.91 13.41 -0.59
C SER A 131 -6.62 12.07 -0.53
N HIS A 132 -7.94 12.08 -0.69
CA HIS A 132 -8.75 10.86 -0.83
C HIS A 132 -8.47 10.24 -2.22
N THR A 133 -8.84 8.99 -2.41
CA THR A 133 -8.97 8.38 -3.75
C THR A 133 -10.10 7.35 -3.67
N VAL A 134 -10.43 6.73 -4.78
CA VAL A 134 -11.34 5.55 -4.80
C VAL A 134 -10.55 4.38 -5.37
N LEU A 135 -10.51 3.29 -4.60
CA LEU A 135 -9.87 2.03 -5.02
C LEU A 135 -10.95 1.15 -5.64
N ASP A 136 -10.75 0.73 -6.89
CA ASP A 136 -11.68 -0.17 -7.63
C ASP A 136 -11.19 -1.62 -7.54
N PHE A 137 -12.09 -2.59 -7.30
CA PHE A 137 -11.80 -4.05 -7.32
C PHE A 137 -12.48 -4.69 -8.53
N TYR A 138 -11.77 -5.61 -9.18
CA TYR A 138 -12.22 -6.36 -10.38
C TYR A 138 -11.96 -7.84 -10.18
N GLU A 139 -12.93 -8.67 -10.58
CA GLU A 139 -12.77 -10.15 -10.69
C GLU A 139 -11.74 -10.42 -11.79
N PRO A 140 -10.78 -11.35 -11.60
CA PRO A 140 -9.71 -11.55 -12.57
C PRO A 140 -10.22 -12.24 -13.85
CA PRO A 156 -15.25 -5.24 -17.28
C PRO A 156 -15.43 -3.92 -16.50
N ARG A 157 -16.49 -3.83 -15.68
CA ARG A 157 -16.71 -2.71 -14.72
C ARG A 157 -16.27 -3.19 -13.33
N PRO A 158 -15.87 -2.28 -12.41
CA PRO A 158 -15.51 -2.70 -11.05
C PRO A 158 -16.65 -3.49 -10.38
N THR A 159 -16.33 -4.55 -9.63
CA THR A 159 -17.32 -5.31 -8.79
C THR A 159 -17.61 -4.52 -7.51
N THR A 160 -16.59 -3.93 -6.87
CA THR A 160 -16.77 -2.99 -5.72
C THR A 160 -15.72 -1.89 -5.81
N SER A 161 -16.04 -0.72 -5.25
CA SER A 161 -15.12 0.42 -5.06
C SER A 161 -15.14 0.84 -3.60
N LEU A 162 -14.00 1.30 -3.08
CA LEU A 162 -13.86 1.76 -1.68
C LEU A 162 -13.28 3.17 -1.67
N LEU A 163 -13.92 4.08 -0.96
CA LEU A 163 -13.32 5.40 -0.71
C LEU A 163 -12.16 5.24 0.28
N LEU A 164 -10.96 5.68 -0.09
CA LEU A 164 -9.80 5.74 0.81
C LEU A 164 -9.61 7.20 1.22
N GLU A 165 -9.79 7.46 2.50
CA GLU A 165 -9.59 8.81 3.07
C GLU A 165 -8.17 8.96 3.60
N PRO A 166 -7.63 10.21 3.58
CA PRO A 166 -6.30 10.46 4.12
C PRO A 166 -6.24 9.96 5.58
N ARG A 167 -5.10 9.38 5.95
CA ARG A 167 -4.72 8.92 7.31
C ARG A 167 -5.33 7.55 7.61
N SER A 168 -5.98 6.91 6.65
CA SER A 168 -6.53 5.54 6.78
C SER A 168 -5.45 4.49 6.54
N LEU A 169 -5.65 3.31 7.13
CA LEU A 169 -4.92 2.07 6.78
C LEU A 169 -5.89 1.15 6.03
N LEU A 170 -5.50 0.72 4.86
CA LEU A 170 -6.19 -0.34 4.10
C LEU A 170 -5.39 -1.63 4.20
N VAL A 171 -6.05 -2.76 4.43
CA VAL A 171 -5.37 -4.08 4.48
C VAL A 171 -6.12 -5.02 3.52
N LEU A 172 -5.42 -5.63 2.56
CA LEU A 172 -6.02 -6.64 1.65
C LEU A 172 -5.34 -7.96 1.93
N ARG A 173 -6.13 -9.00 2.23
CA ARG A 173 -5.58 -10.34 2.54
C ARG A 173 -6.49 -11.37 1.86
N GLY A 174 -6.10 -12.64 1.90
CA GLY A 174 -6.91 -13.73 1.31
C GLY A 174 -7.14 -13.47 -0.16
N PRO A 175 -8.33 -13.85 -0.70
CA PRO A 175 -8.67 -13.59 -2.11
C PRO A 175 -8.57 -12.13 -2.56
N ALA A 176 -8.78 -11.17 -1.65
CA ALA A 176 -8.62 -9.73 -1.97
C ALA A 176 -7.17 -9.43 -2.39
N TYR A 177 -6.20 -10.25 -1.98
CA TYR A 177 -4.79 -10.17 -2.45
C TYR A 177 -4.56 -11.12 -3.64
N THR A 178 -4.95 -12.39 -3.50
CA THR A 178 -4.52 -13.50 -4.40
C THR A 178 -5.41 -13.65 -5.65
N ARG A 179 -6.66 -13.17 -5.65
CA ARG A 179 -7.59 -13.41 -6.77
C ARG A 179 -7.97 -12.07 -7.41
N LEU A 180 -8.43 -11.11 -6.60
CA LEU A 180 -8.99 -9.82 -7.07
C LEU A 180 -7.90 -8.93 -7.69
N LEU A 181 -8.27 -8.11 -8.67
CA LEU A 181 -7.45 -6.99 -9.15
C LEU A 181 -7.88 -5.71 -8.42
N HIS A 182 -6.94 -4.80 -8.21
CA HIS A 182 -7.25 -3.45 -7.70
C HIS A 182 -6.60 -2.41 -8.61
N GLY A 183 -7.28 -1.29 -8.73
CA GLY A 183 -6.85 -0.17 -9.56
C GLY A 183 -7.39 1.13 -9.03
N ILE A 184 -6.84 2.22 -9.54
CA ILE A 184 -7.29 3.61 -9.29
C ILE A 184 -7.48 4.27 -10.65
N ALA A 185 -8.68 4.77 -10.92
CA ALA A 185 -9.01 5.46 -12.18
C ALA A 185 -8.20 6.75 -12.26
N ALA A 186 -7.69 7.07 -13.45
CA ALA A 186 -7.05 8.36 -13.77
C ALA A 186 -8.14 9.44 -13.86
N ALA A 187 -8.60 9.96 -12.71
CA ALA A 187 -9.74 10.90 -12.59
C ALA A 187 -9.36 12.09 -11.72
N ARG A 188 -10.07 13.20 -11.85
CA ARG A 188 -9.82 14.47 -11.14
C ARG A 188 -10.84 14.63 -10.01
N VAL A 189 -11.99 13.96 -10.13
CA VAL A 189 -13.13 14.09 -9.17
C VAL A 189 -13.70 12.70 -8.94
N ASP A 190 -14.29 12.47 -7.76
CA ASP A 190 -14.99 11.20 -7.46
C ASP A 190 -16.41 11.55 -7.00
N ALA A 191 -17.41 11.12 -7.75
CA ALA A 191 -18.84 11.28 -7.40
C ALA A 191 -19.22 10.15 -6.44
N LEU A 192 -19.65 10.47 -5.22
CA LEU A 192 -20.09 9.45 -4.22
C LEU A 192 -21.56 9.07 -4.45
N ASP A 193 -22.37 10.01 -4.94
CA ASP A 193 -23.85 9.85 -5.14
C ASP A 193 -24.12 9.22 -6.51
N ALA A 211 -21.18 15.04 -1.78
CA ALA A 211 -21.67 14.35 -3.00
C ALA A 211 -20.51 14.07 -3.97
N CYS A 212 -19.59 15.03 -4.12
CA CYS A 212 -18.49 14.98 -5.11
C CYS A 212 -17.20 15.48 -4.45
N LEU A 213 -16.12 14.71 -4.57
CA LEU A 213 -14.81 15.06 -3.96
C LEU A 213 -13.83 15.36 -5.08
N VAL A 214 -13.16 16.51 -4.99
CA VAL A 214 -12.06 16.91 -5.90
C VAL A 214 -10.77 16.27 -5.36
N ARG A 215 -10.04 15.57 -6.21
CA ARG A 215 -8.74 14.95 -5.84
C ARG A 215 -7.66 16.04 -5.74
N GLY A 216 -6.88 15.97 -4.67
CA GLY A 216 -5.58 16.65 -4.54
C GLY A 216 -4.49 15.66 -4.88
N THR A 217 -3.27 15.97 -4.53
CA THR A 217 -2.10 15.07 -4.65
C THR A 217 -2.21 14.02 -3.53
N ARG A 218 -2.15 12.77 -3.90
CA ARG A 218 -2.21 11.65 -2.94
C ARG A 218 -0.84 11.00 -2.91
N VAL A 219 -0.38 10.66 -1.72
CA VAL A 219 0.85 9.86 -1.48
C VAL A 219 0.42 8.64 -0.69
N SER A 220 0.79 7.47 -1.17
CA SER A 220 0.44 6.23 -0.45
C SER A 220 1.72 5.54 -0.01
N LEU A 221 1.70 4.92 1.17
CA LEU A 221 2.83 4.16 1.72
C LEU A 221 2.35 2.74 1.77
N THR A 222 2.79 1.89 0.88
CA THR A 222 2.38 0.47 0.86
C THR A 222 3.46 -0.30 1.58
N ILE A 223 3.07 -1.00 2.64
CA ILE A 223 4.01 -1.70 3.54
C ILE A 223 3.75 -3.20 3.33
N ARG A 224 4.76 -3.90 2.86
CA ARG A 224 4.65 -5.36 2.59
C ARG A 224 5.87 -6.11 3.10
N ARG A 225 5.76 -7.43 3.16
CA ARG A 225 6.93 -8.28 3.50
C ARG A 225 7.41 -9.00 2.24
N VAL A 226 8.67 -8.81 1.89
CA VAL A 226 9.35 -9.49 0.75
C VAL A 226 10.03 -10.71 1.34
N PRO A 227 9.58 -11.94 1.03
CA PRO A 227 10.16 -13.13 1.65
C PRO A 227 11.54 -13.52 1.13
N ARG A 228 11.89 -13.19 -0.12
CA ARG A 228 13.19 -13.56 -0.73
C ARG A 228 14.18 -12.40 -0.59
N VAL A 229 15.02 -12.43 0.44
CA VAL A 229 16.03 -11.37 0.73
C VAL A 229 17.41 -12.00 0.72
N LEU A 230 18.35 -11.37 0.03
CA LEU A 230 19.76 -11.83 0.01
C LEU A 230 20.46 -11.38 1.30
N ARG A 231 21.44 -12.16 1.76
CA ARG A 231 22.32 -11.73 2.86
C ARG A 231 23.05 -10.45 2.45
N ALA A 232 23.42 -9.63 3.42
CA ALA A 232 24.10 -8.34 3.20
C ALA A 232 25.41 -8.61 2.45
N GLY A 233 25.69 -7.82 1.43
CA GLY A 233 26.93 -7.89 0.62
C GLY A 233 26.80 -8.79 -0.61
N LEU A 234 25.77 -9.64 -0.73
CA LEU A 234 25.70 -10.64 -1.84
C LEU A 234 24.90 -10.07 -3.01
N LEU A 235 25.45 -10.20 -4.22
CA LEU A 235 24.81 -9.80 -5.50
C LEU A 235 24.63 -11.06 -6.35
N LEU A 236 23.53 -11.10 -7.06
CA LEU A 236 23.28 -12.12 -8.12
C LEU A 236 23.30 -11.35 -9.44
N GLY A 237 23.94 -11.87 -10.46
CA GLY A 237 23.85 -11.22 -11.79
C GLY A 237 22.53 -11.57 -12.45
N LYS A 238 22.37 -11.22 -13.73
CA LYS A 238 21.34 -11.74 -14.68
C LYS A 238 20.12 -10.83 -14.62
NI NI B . -1.30 -2.90 -5.99
C TRS C . 0.63 -0.99 -5.13
C1 TRS C . -0.52 -0.08 -5.55
C2 TRS C . 0.32 -1.70 -3.81
C3 TRS C . 1.96 -0.23 -5.00
N TRS C . 0.81 -2.04 -6.19
O1 TRS C . -1.66 -0.84 -5.99
O2 TRS C . -0.86 -2.50 -3.83
O3 TRS C . 2.44 0.29 -6.23
#